data_1GD2
#
_entry.id   1GD2
#
_cell.length_a   240.910
_cell.length_b   240.910
_cell.length_c   43.870
_cell.angle_alpha   90.00
_cell.angle_beta   90.00
_cell.angle_gamma   120.00
#
_symmetry.space_group_name_H-M   'H 3'
#
loop_
_entity.id
_entity.type
_entity.pdbx_description
1 polymer "DNA (5'-D(*AP*GP*GP*TP*TP*AP*CP*GP*TP*AP*AP*CP*C)-3')"
2 polymer 'TRANSCRIPTION FACTOR PAP1'
3 water water
#
loop_
_entity_poly.entity_id
_entity_poly.type
_entity_poly.pdbx_seq_one_letter_code
_entity_poly.pdbx_strand_id
1 'polydeoxyribonucleotide' (DA)(DG)(DG)(DT)(DT)(DA)(DC)(DG)(DT)(DA)(DA)(DC)(DC) A,B,C,D
2 'polypeptide(L)' RKNSDQEPSSKRKAQNRAAQRAFRKRKEDHLKALETQVVTLKELHSSTTLENDQLRQKVRQLEEELRILK E,F,G,H,I,J
#
# COMPACT_ATOMS: atom_id res chain seq x y z
N ASP E 5 -27.58 -29.59 -20.43
CA ASP E 5 -26.87 -29.46 -21.74
C ASP E 5 -25.42 -29.98 -21.62
N GLN E 6 -24.49 -29.07 -21.35
CA GLN E 6 -23.06 -29.41 -21.21
C GLN E 6 -22.80 -30.15 -19.90
N GLU E 7 -23.87 -30.40 -19.14
CA GLU E 7 -23.82 -31.05 -17.84
C GLU E 7 -23.15 -32.43 -17.82
N PRO E 8 -22.20 -32.63 -16.89
CA PRO E 8 -21.50 -33.91 -16.76
C PRO E 8 -22.49 -35.03 -16.49
N SER E 9 -22.16 -36.23 -16.94
CA SER E 9 -23.01 -37.40 -16.72
C SER E 9 -23.10 -37.73 -15.23
N SER E 10 -24.06 -38.57 -14.87
CA SER E 10 -24.25 -38.97 -13.49
C SER E 10 -22.98 -39.67 -12.98
N LYS E 11 -22.36 -40.48 -13.85
CA LYS E 11 -21.14 -41.20 -13.51
C LYS E 11 -19.97 -40.24 -13.31
N ARG E 12 -19.90 -39.19 -14.11
CA ARG E 12 -18.83 -38.20 -13.99
C ARG E 12 -19.02 -37.37 -12.72
N LYS E 13 -20.27 -37.06 -12.39
CA LYS E 13 -20.58 -36.32 -11.17
C LYS E 13 -20.07 -37.14 -9.99
N ALA E 14 -20.38 -38.44 -10.02
CA ALA E 14 -19.96 -39.37 -8.97
C ALA E 14 -18.44 -39.46 -8.85
N GLN E 15 -17.74 -39.42 -9.99
CA GLN E 15 -16.28 -39.48 -9.98
C GLN E 15 -15.66 -38.20 -9.43
N ASN E 16 -16.22 -37.05 -9.78
CA ASN E 16 -15.72 -35.78 -9.27
C ASN E 16 -15.85 -35.75 -7.75
N ARG E 17 -16.96 -36.29 -7.24
CA ARG E 17 -17.20 -36.34 -5.80
C ARG E 17 -16.18 -37.25 -5.13
N ALA E 18 -15.99 -38.44 -5.70
CA ALA E 18 -15.05 -39.42 -5.17
C ALA E 18 -13.62 -38.90 -5.19
N ALA E 19 -13.23 -38.31 -6.32
CA ALA E 19 -11.90 -37.76 -6.48
C ALA E 19 -11.66 -36.59 -5.51
N GLN E 20 -12.67 -35.78 -5.27
CA GLN E 20 -12.54 -34.65 -4.36
C GLN E 20 -12.44 -35.14 -2.92
N ARG E 21 -13.20 -36.18 -2.60
CA ARG E 21 -13.21 -36.75 -1.27
C ARG E 21 -11.81 -37.33 -0.96
N ALA E 22 -11.22 -38.01 -1.93
CA ALA E 22 -9.90 -38.60 -1.80
C ALA E 22 -8.82 -37.53 -1.70
N PHE E 23 -8.96 -36.47 -2.49
CA PHE E 23 -8.02 -35.35 -2.48
C PHE E 23 -8.05 -34.68 -1.11
N ARG E 24 -9.26 -34.45 -0.59
CA ARG E 24 -9.46 -33.83 0.73
C ARG E 24 -8.81 -34.68 1.82
N LYS E 25 -9.00 -36.00 1.75
CA LYS E 25 -8.45 -36.94 2.71
C LYS E 25 -6.91 -36.84 2.75
N ARG E 26 -6.27 -36.87 1.59
CA ARG E 26 -4.83 -36.77 1.49
C ARG E 26 -4.31 -35.45 2.06
N LYS E 27 -5.05 -34.37 1.79
CA LYS E 27 -4.68 -33.04 2.25
C LYS E 27 -4.77 -32.95 3.79
N GLU E 28 -5.80 -33.58 4.36
CA GLU E 28 -6.01 -33.58 5.80
C GLU E 28 -5.02 -34.50 6.51
N ASP E 29 -4.66 -35.62 5.88
CA ASP E 29 -3.70 -36.55 6.47
C ASP E 29 -2.35 -35.85 6.59
N HIS E 30 -2.03 -35.02 5.60
CA HIS E 30 -0.78 -34.28 5.61
C HIS E 30 -0.82 -33.17 6.66
N LEU E 31 -2.00 -32.60 6.88
CA LEU E 31 -2.16 -31.54 7.85
C LEU E 31 -1.90 -32.08 9.26
N LYS E 32 -2.55 -33.19 9.62
CA LYS E 32 -2.38 -33.82 10.93
C LYS E 32 -0.93 -34.24 11.20
N ALA E 33 -0.26 -34.73 10.16
CA ALA E 33 1.14 -35.18 10.23
C ALA E 33 2.07 -34.00 10.53
N LEU E 34 1.86 -32.89 9.83
CA LEU E 34 2.64 -31.67 10.01
C LEU E 34 2.42 -31.11 11.40
N GLU E 35 1.17 -31.08 11.82
CA GLU E 35 0.81 -30.57 13.13
C GLU E 35 1.52 -31.37 14.21
N THR E 36 1.58 -32.68 14.01
CA THR E 36 2.23 -33.58 14.95
C THR E 36 3.74 -33.36 14.93
N GLN E 37 4.30 -33.27 13.72
CA GLN E 37 5.73 -33.06 13.57
C GLN E 37 6.19 -31.73 14.13
N VAL E 38 5.40 -30.68 13.96
CA VAL E 38 5.77 -29.36 14.47
C VAL E 38 5.75 -29.36 16.00
N VAL E 39 4.91 -30.19 16.59
CA VAL E 39 4.82 -30.31 18.05
C VAL E 39 6.02 -31.08 18.57
N THR E 40 6.38 -32.14 17.85
CA THR E 40 7.51 -32.98 18.20
C THR E 40 8.80 -32.16 18.09
N LEU E 41 8.86 -31.32 17.06
CA LEU E 41 10.00 -30.46 16.81
C LEU E 41 10.10 -29.31 17.81
N LYS E 42 8.97 -28.71 18.15
CA LYS E 42 8.96 -27.61 19.10
C LYS E 42 9.38 -28.06 20.50
N GLU E 43 8.95 -29.24 20.92
CA GLU E 43 9.28 -29.78 22.24
C GLU E 43 10.71 -30.27 22.31
N LEU E 44 11.26 -30.61 21.15
CA LEU E 44 12.64 -31.08 21.02
C LEU E 44 13.54 -29.86 21.10
N HIS E 45 13.10 -28.75 20.50
CA HIS E 45 13.83 -27.47 20.51
C HIS E 45 13.90 -26.97 21.94
N SER E 46 12.78 -27.05 22.64
CA SER E 46 12.69 -26.60 24.03
C SER E 46 13.51 -27.51 24.95
N SER E 47 13.66 -28.77 24.56
CA SER E 47 14.42 -29.76 25.32
C SER E 47 15.94 -29.59 25.17
N THR E 48 16.40 -29.51 23.93
CA THR E 48 17.83 -29.33 23.65
C THR E 48 18.31 -27.91 24.00
N THR E 49 17.39 -27.00 24.23
CA THR E 49 17.73 -25.62 24.60
C THR E 49 17.93 -25.55 26.10
N LEU E 50 17.14 -26.32 26.84
CA LEU E 50 17.26 -26.39 28.30
C LEU E 50 18.60 -27.03 28.63
N GLU E 51 18.97 -28.04 27.83
CA GLU E 51 20.21 -28.77 27.98
C GLU E 51 21.40 -27.84 27.70
N ASN E 52 21.25 -27.01 26.67
CA ASN E 52 22.28 -26.05 26.29
C ASN E 52 22.50 -25.06 27.44
N ASP E 53 21.41 -24.74 28.14
CA ASP E 53 21.45 -23.81 29.26
C ASP E 53 22.01 -24.45 30.52
N GLN E 54 21.96 -25.78 30.58
CA GLN E 54 22.49 -26.54 31.70
C GLN E 54 23.99 -26.73 31.52
N LEU E 55 24.40 -26.85 30.25
CA LEU E 55 25.80 -27.02 29.89
C LEU E 55 26.57 -25.70 29.99
N ARG E 56 25.85 -24.59 29.84
CA ARG E 56 26.45 -23.26 29.94
C ARG E 56 26.70 -22.89 31.39
N GLN E 57 25.94 -23.52 32.30
CA GLN E 57 26.06 -23.30 33.73
C GLN E 57 27.11 -24.27 34.26
N LYS E 58 27.14 -25.48 33.69
CA LYS E 58 28.10 -26.49 34.10
C LYS E 58 29.49 -26.15 33.55
N VAL E 59 29.55 -25.17 32.65
CA VAL E 59 30.82 -24.74 32.07
C VAL E 59 31.34 -23.49 32.81
N ARG E 60 30.54 -22.99 33.74
CA ARG E 60 30.93 -21.82 34.54
C ARG E 60 31.19 -22.26 35.99
N GLN E 61 30.54 -23.35 36.40
CA GLN E 61 30.70 -23.91 37.74
C GLN E 61 32.06 -24.60 37.81
N LEU E 62 32.46 -25.20 36.70
CA LEU E 62 33.75 -25.90 36.59
C LEU E 62 34.91 -24.95 36.28
N GLU E 63 34.60 -23.76 35.81
CA GLU E 63 35.64 -22.76 35.52
C GLU E 63 35.94 -21.92 36.76
N GLU E 64 35.02 -21.92 37.72
CA GLU E 64 35.18 -21.19 38.97
C GLU E 64 35.90 -22.13 39.96
N GLU E 65 35.68 -23.43 39.76
CA GLU E 65 36.29 -24.46 40.59
C GLU E 65 37.74 -24.71 40.16
N LEU E 66 38.03 -24.43 38.90
CA LEU E 66 39.38 -24.61 38.35
C LEU E 66 40.12 -23.27 38.26
N ARG E 67 39.60 -22.27 38.98
CA ARG E 67 40.21 -20.94 39.02
C ARG E 67 40.76 -20.64 40.41
N ILE E 68 40.25 -21.38 41.41
CA ILE E 68 40.68 -21.21 42.80
C ILE E 68 41.74 -22.24 43.25
N LEU E 69 41.70 -23.43 42.66
CA LEU E 69 42.65 -24.49 42.97
C LEU E 69 42.66 -25.59 41.90
N GLU F 7 -34.59 -21.57 1.42
CA GLU F 7 -33.27 -21.28 0.79
C GLU F 7 -32.71 -19.96 1.35
N PRO F 8 -31.39 -19.90 1.62
CA PRO F 8 -30.78 -18.68 2.14
C PRO F 8 -31.00 -17.49 1.20
N SER F 9 -31.09 -16.30 1.80
CA SER F 9 -31.28 -15.07 1.05
C SER F 9 -30.02 -14.76 0.22
N SER F 10 -30.15 -13.84 -0.71
CA SER F 10 -29.03 -13.46 -1.56
C SER F 10 -27.87 -12.96 -0.70
N LYS F 11 -28.20 -12.26 0.39
CA LYS F 11 -27.20 -11.72 1.30
C LYS F 11 -26.49 -12.80 2.11
N ARG F 12 -27.22 -13.82 2.57
CA ARG F 12 -26.63 -14.91 3.33
C ARG F 12 -25.75 -15.75 2.41
N LYS F 13 -26.22 -15.95 1.18
CA LYS F 13 -25.45 -16.68 0.18
C LYS F 13 -24.10 -16.01 -0.03
N ALA F 14 -24.14 -14.69 -0.22
CA ALA F 14 -22.94 -13.88 -0.42
C ALA F 14 -22.01 -13.94 0.78
N GLN F 15 -22.59 -13.94 1.97
CA GLN F 15 -21.79 -14.02 3.19
C GLN F 15 -21.11 -15.38 3.34
N ASN F 16 -21.83 -16.46 3.00
CA ASN F 16 -21.26 -17.81 3.07
C ASN F 16 -20.07 -17.94 2.09
N ARG F 17 -20.16 -17.35 0.90
CA ARG F 17 -19.09 -17.38 -0.09
C ARG F 17 -17.87 -16.62 0.45
N ALA F 18 -18.10 -15.44 1.02
CA ALA F 18 -17.04 -14.59 1.58
C ALA F 18 -16.38 -15.24 2.80
N ALA F 19 -17.20 -15.83 3.66
CA ALA F 19 -16.70 -16.48 4.86
C ALA F 19 -15.83 -17.68 4.51
N GLN F 20 -16.19 -18.36 3.42
CA GLN F 20 -15.46 -19.53 2.95
C GLN F 20 -14.17 -19.12 2.23
N ARG F 21 -14.24 -18.00 1.51
CA ARG F 21 -13.09 -17.46 0.80
C ARG F 21 -12.01 -17.14 1.84
N ALA F 22 -12.43 -16.48 2.92
CA ALA F 22 -11.55 -16.09 4.02
C ALA F 22 -10.99 -17.28 4.80
N PHE F 23 -11.88 -18.22 5.12
CA PHE F 23 -11.50 -19.43 5.85
C PHE F 23 -10.49 -20.25 5.07
N ARG F 24 -10.75 -20.38 3.78
CA ARG F 24 -9.90 -21.13 2.86
C ARG F 24 -8.51 -20.50 2.83
N LYS F 25 -8.45 -19.17 2.83
CA LYS F 25 -7.17 -18.49 2.81
C LYS F 25 -6.40 -18.70 4.12
N ARG F 26 -7.09 -18.67 5.25
CA ARG F 26 -6.45 -18.89 6.54
C ARG F 26 -5.85 -20.30 6.64
N LYS F 27 -6.52 -21.30 6.06
CA LYS F 27 -6.01 -22.67 6.08
C LYS F 27 -4.74 -22.78 5.24
N GLU F 28 -4.72 -22.07 4.10
CA GLU F 28 -3.56 -22.08 3.22
C GLU F 28 -2.36 -21.39 3.89
N ASP F 29 -2.62 -20.25 4.52
CA ASP F 29 -1.59 -19.51 5.23
C ASP F 29 -0.98 -20.35 6.34
N HIS F 30 -1.85 -21.02 7.09
CA HIS F 30 -1.44 -21.87 8.19
C HIS F 30 -0.61 -23.09 7.72
N LEU F 31 -0.98 -23.63 6.57
CA LEU F 31 -0.29 -24.79 6.01
C LEU F 31 1.13 -24.40 5.62
N LYS F 32 1.24 -23.25 4.94
CA LYS F 32 2.53 -22.73 4.51
C LYS F 32 3.39 -22.33 5.70
N ALA F 33 2.73 -21.86 6.76
CA ALA F 33 3.41 -21.45 8.00
C ALA F 33 3.96 -22.67 8.74
N LEU F 34 3.28 -23.81 8.64
CA LEU F 34 3.72 -25.05 9.28
C LEU F 34 4.87 -25.67 8.48
N GLU F 35 4.79 -25.58 7.16
CA GLU F 35 5.82 -26.12 6.28
C GLU F 35 7.15 -25.43 6.53
N THR F 36 7.09 -24.13 6.78
CA THR F 36 8.27 -23.32 7.05
C THR F 36 8.76 -23.58 8.47
N GLN F 37 7.84 -23.83 9.40
CA GLN F 37 8.21 -24.11 10.79
C GLN F 37 9.00 -25.41 10.89
N VAL F 38 8.59 -26.44 10.16
CA VAL F 38 9.32 -27.71 10.21
C VAL F 38 10.73 -27.56 9.65
N VAL F 39 10.86 -26.81 8.55
CA VAL F 39 12.16 -26.59 7.94
C VAL F 39 13.04 -25.75 8.89
N THR F 40 12.44 -24.73 9.49
CA THR F 40 13.15 -23.87 10.43
C THR F 40 13.51 -24.60 11.73
N LEU F 41 12.55 -25.31 12.31
CA LEU F 41 12.79 -26.06 13.54
C LEU F 41 13.75 -27.24 13.34
N LYS F 42 14.00 -27.62 12.09
CA LYS F 42 14.93 -28.71 11.77
C LYS F 42 16.35 -28.18 11.68
N GLU F 43 16.49 -26.94 11.18
CA GLU F 43 17.79 -26.29 11.08
C GLU F 43 18.15 -25.84 12.50
N LEU F 44 17.14 -25.45 13.26
CA LEU F 44 17.29 -24.98 14.63
C LEU F 44 17.72 -26.14 15.53
N HIS F 45 17.20 -27.33 15.26
CA HIS F 45 17.53 -28.51 16.05
C HIS F 45 18.93 -29.03 15.74
N SER F 46 19.28 -29.01 14.46
CA SER F 46 20.58 -29.48 13.97
C SER F 46 21.72 -28.58 14.47
N SER F 47 21.42 -27.32 14.76
CA SER F 47 22.43 -26.36 15.22
C SER F 47 22.60 -26.32 16.74
N THR F 48 21.49 -26.42 17.48
CA THR F 48 21.57 -26.40 18.95
C THR F 48 22.14 -27.71 19.47
N THR F 49 21.95 -28.79 18.69
CA THR F 49 22.46 -30.10 19.05
C THR F 49 23.96 -30.19 18.72
N LEU F 50 24.42 -29.36 17.79
CA LEU F 50 25.83 -29.33 17.43
C LEU F 50 26.57 -28.52 18.49
N GLU F 51 25.87 -27.53 19.07
CA GLU F 51 26.44 -26.69 20.11
C GLU F 51 26.50 -27.46 21.42
N ASN F 52 25.62 -28.45 21.57
CA ASN F 52 25.59 -29.29 22.76
C ASN F 52 26.73 -30.31 22.71
N ASP F 53 27.14 -30.68 21.49
CA ASP F 53 28.24 -31.63 21.29
C ASP F 53 29.53 -30.95 21.71
N GLN F 54 29.68 -29.69 21.30
CA GLN F 54 30.85 -28.87 21.59
C GLN F 54 30.91 -28.45 23.06
N LEU F 55 29.76 -28.31 23.70
CA LEU F 55 29.71 -27.93 25.11
C LEU F 55 29.89 -29.12 26.04
N ARG F 56 29.50 -30.31 25.61
CA ARG F 56 29.66 -31.51 26.43
C ARG F 56 31.11 -31.99 26.35
N GLN F 57 31.76 -31.69 25.22
CA GLN F 57 33.16 -32.05 25.01
C GLN F 57 34.00 -31.02 25.77
N LYS F 58 33.44 -29.82 25.92
CA LYS F 58 34.09 -28.73 26.65
C LYS F 58 33.98 -28.97 28.16
N VAL F 59 32.91 -29.67 28.57
CA VAL F 59 32.70 -29.99 29.98
C VAL F 59 33.55 -31.22 30.35
N ARG F 60 33.69 -32.15 29.41
CA ARG F 60 34.49 -33.36 29.62
C ARG F 60 35.97 -32.98 29.68
N GLN F 61 36.31 -31.84 29.08
CA GLN F 61 37.67 -31.30 29.04
C GLN F 61 38.04 -30.65 30.39
N LEU F 62 37.11 -29.85 30.91
CA LEU F 62 37.30 -29.15 32.18
C LEU F 62 37.19 -30.09 33.38
N GLU F 63 36.44 -31.17 33.22
CA GLU F 63 36.27 -32.15 34.29
C GLU F 63 37.52 -32.99 34.51
N GLU F 64 38.26 -33.26 33.43
CA GLU F 64 39.51 -34.02 33.55
C GLU F 64 40.65 -33.07 33.90
N GLU F 65 40.52 -31.80 33.53
CA GLU F 65 41.53 -30.80 33.82
C GLU F 65 41.49 -30.42 35.31
N LEU F 66 40.32 -30.64 35.93
CA LEU F 66 40.16 -30.36 37.36
C LEU F 66 40.57 -31.63 38.12
N ARG F 67 40.34 -32.78 37.49
CA ARG F 67 40.67 -34.10 38.06
C ARG F 67 42.20 -34.22 38.18
N ILE F 68 42.91 -33.58 37.26
CA ILE F 68 44.37 -33.60 37.23
C ILE F 68 45.00 -32.58 38.18
N LEU F 69 44.59 -31.31 38.07
CA LEU F 69 45.13 -30.24 38.90
C LEU F 69 44.69 -30.22 40.36
N LYS F 70 43.81 -31.15 40.75
CA LYS F 70 43.33 -31.24 42.11
C LYS F 70 43.86 -32.53 42.75
N GLN G 6 -31.75 -17.78 -13.86
CA GLN G 6 -30.32 -18.21 -13.72
C GLN G 6 -29.90 -19.14 -14.87
N GLU G 7 -29.48 -18.55 -15.98
CA GLU G 7 -29.04 -19.30 -17.16
C GLU G 7 -27.51 -19.43 -17.16
N PRO G 8 -26.77 -18.38 -16.72
CA PRO G 8 -25.32 -18.53 -16.73
C PRO G 8 -24.94 -19.65 -15.75
N SER G 9 -23.84 -20.34 -16.04
CA SER G 9 -23.39 -21.42 -15.18
C SER G 9 -22.91 -20.88 -13.84
N SER G 10 -22.75 -21.78 -12.88
CA SER G 10 -22.28 -21.43 -11.56
C SER G 10 -20.92 -20.74 -11.68
N LYS G 11 -20.08 -21.23 -12.59
CA LYS G 11 -18.75 -20.67 -12.82
C LYS G 11 -18.80 -19.27 -13.44
N ARG G 12 -19.76 -19.05 -14.33
CA ARG G 12 -19.91 -17.75 -14.96
C ARG G 12 -20.46 -16.72 -13.97
N LYS G 13 -21.35 -17.17 -13.08
CA LYS G 13 -21.91 -16.30 -12.06
C LYS G 13 -20.79 -15.86 -11.12
N ALA G 14 -19.93 -16.81 -10.75
CA ALA G 14 -18.81 -16.56 -9.86
C ALA G 14 -17.85 -15.56 -10.47
N GLN G 15 -17.61 -15.69 -11.78
CA GLN G 15 -16.72 -14.78 -12.50
C GLN G 15 -17.32 -13.38 -12.65
N ASN G 16 -18.63 -13.27 -12.90
CA ASN G 16 -19.26 -11.96 -13.00
C ASN G 16 -19.13 -11.25 -11.66
N ARG G 17 -19.29 -12.00 -10.56
CA ARG G 17 -19.18 -11.41 -9.22
C ARG G 17 -17.76 -10.93 -8.92
N ALA G 18 -16.77 -11.72 -9.35
CA ALA G 18 -15.35 -11.41 -9.13
C ALA G 18 -14.94 -10.21 -9.98
N ALA G 19 -15.33 -10.21 -11.25
CA ALA G 19 -15.01 -9.14 -12.18
C ALA G 19 -15.63 -7.81 -11.75
N GLN G 20 -16.80 -7.89 -11.10
CA GLN G 20 -17.49 -6.70 -10.63
C GLN G 20 -16.84 -6.19 -9.36
N ARG G 21 -16.39 -7.10 -8.50
CA ARG G 21 -15.73 -6.70 -7.26
C ARG G 21 -14.44 -5.98 -7.60
N ALA G 22 -13.73 -6.48 -8.62
CA ALA G 22 -12.47 -5.90 -9.08
C ALA G 22 -12.71 -4.54 -9.74
N PHE G 23 -13.75 -4.46 -10.57
CA PHE G 23 -14.11 -3.21 -11.26
C PHE G 23 -14.42 -2.13 -10.24
N ARG G 24 -15.23 -2.45 -9.22
CA ARG G 24 -15.59 -1.50 -8.18
C ARG G 24 -14.36 -1.03 -7.41
N LYS G 25 -13.45 -1.95 -7.09
CA LYS G 25 -12.25 -1.60 -6.37
C LYS G 25 -11.39 -0.59 -7.14
N ARG G 26 -11.25 -0.79 -8.45
CA ARG G 26 -10.46 0.12 -9.28
C ARG G 26 -11.12 1.49 -9.37
N LYS G 27 -12.45 1.50 -9.33
CA LYS G 27 -13.24 2.72 -9.40
C LYS G 27 -13.08 3.52 -8.11
N GLU G 28 -13.13 2.84 -6.97
CA GLU G 28 -12.98 3.50 -5.68
C GLU G 28 -11.54 3.97 -5.43
N ASP G 29 -10.57 3.30 -6.05
CA ASP G 29 -9.16 3.67 -5.94
C ASP G 29 -8.91 4.94 -6.74
N HIS G 30 -9.56 5.03 -7.90
CA HIS G 30 -9.46 6.19 -8.78
C HIS G 30 -10.10 7.38 -8.08
N LEU G 31 -11.23 7.15 -7.44
CA LEU G 31 -11.98 8.18 -6.72
C LEU G 31 -11.15 8.69 -5.56
N LYS G 32 -10.52 7.78 -4.81
CA LYS G 32 -9.68 8.17 -3.67
C LYS G 32 -8.48 9.00 -4.13
N ALA G 33 -7.90 8.63 -5.26
CA ALA G 33 -6.74 9.32 -5.83
C ALA G 33 -7.10 10.69 -6.39
N LEU G 34 -8.32 10.82 -6.90
CA LEU G 34 -8.78 12.09 -7.46
C LEU G 34 -9.09 13.06 -6.32
N GLU G 35 -9.71 12.55 -5.26
CA GLU G 35 -10.07 13.34 -4.09
C GLU G 35 -8.86 13.94 -3.39
N THR G 36 -7.80 13.16 -3.21
CA THR G 36 -6.60 13.66 -2.55
C THR G 36 -5.84 14.60 -3.47
N GLN G 37 -6.06 14.46 -4.78
CA GLN G 37 -5.40 15.32 -5.76
C GLN G 37 -6.03 16.70 -5.73
N VAL G 38 -7.34 16.74 -5.48
CA VAL G 38 -8.04 18.01 -5.40
C VAL G 38 -7.72 18.66 -4.05
N VAL G 39 -7.60 17.85 -3.00
CA VAL G 39 -7.25 18.37 -1.67
C VAL G 39 -5.85 18.99 -1.71
N THR G 40 -4.96 18.32 -2.46
CA THR G 40 -3.58 18.78 -2.63
C THR G 40 -3.57 20.10 -3.39
N LEU G 41 -4.50 20.25 -4.34
CA LEU G 41 -4.61 21.46 -5.14
C LEU G 41 -5.34 22.62 -4.44
N LYS G 42 -6.35 22.30 -3.62
CA LYS G 42 -7.10 23.30 -2.86
C LYS G 42 -6.24 23.87 -1.73
N GLU G 43 -5.30 23.07 -1.24
CA GLU G 43 -4.38 23.49 -0.18
C GLU G 43 -3.31 24.42 -0.78
N LEU G 44 -2.83 24.04 -1.97
CA LEU G 44 -1.84 24.82 -2.71
C LEU G 44 -2.46 26.15 -3.14
N HIS G 45 -3.76 26.13 -3.43
CA HIS G 45 -4.52 27.31 -3.82
C HIS G 45 -4.51 28.30 -2.67
N SER G 46 -4.57 27.78 -1.45
CA SER G 46 -4.55 28.61 -0.24
C SER G 46 -3.12 29.03 0.15
N SER G 47 -2.13 28.22 -0.21
CA SER G 47 -0.73 28.52 0.08
C SER G 47 -0.34 29.73 -0.75
N THR G 48 -0.70 29.69 -2.04
CA THR G 48 -0.43 30.76 -2.99
C THR G 48 -1.34 31.98 -2.80
N THR G 49 -2.53 31.76 -2.25
CA THR G 49 -3.49 32.86 -2.00
C THR G 49 -3.09 33.65 -0.75
N LEU G 50 -2.58 32.95 0.27
CA LEU G 50 -2.15 33.60 1.51
C LEU G 50 -0.95 34.52 1.31
N GLU G 51 -0.01 34.10 0.45
CA GLU G 51 1.18 34.90 0.17
C GLU G 51 0.84 36.10 -0.72
N ASN G 52 -0.25 36.00 -1.49
CA ASN G 52 -0.70 37.10 -2.34
C ASN G 52 -1.23 38.17 -1.40
N ASP G 53 -1.86 37.73 -0.31
CA ASP G 53 -2.42 38.62 0.71
C ASP G 53 -1.27 39.25 1.51
N GLN G 54 -0.21 38.47 1.75
CA GLN G 54 0.96 38.93 2.50
C GLN G 54 1.87 39.87 1.70
N LEU G 55 1.88 39.71 0.37
CA LEU G 55 2.69 40.56 -0.51
C LEU G 55 1.97 41.86 -0.82
N ARG G 56 0.63 41.82 -0.82
CA ARG G 56 -0.19 43.00 -1.06
C ARG G 56 -0.19 43.88 0.19
N GLN G 57 -0.10 43.26 1.35
CA GLN G 57 -0.06 43.97 2.63
C GLN G 57 1.36 44.50 2.87
N LYS G 58 2.33 43.92 2.17
CA LYS G 58 3.74 44.32 2.25
C LYS G 58 4.06 45.45 1.28
N VAL G 59 3.26 45.56 0.23
CA VAL G 59 3.41 46.63 -0.78
C VAL G 59 2.78 47.91 -0.23
N ARG G 60 1.70 47.75 0.54
CA ARG G 60 0.98 48.88 1.13
C ARG G 60 1.62 49.48 2.37
N GLN G 61 2.31 48.65 3.16
CA GLN G 61 2.99 49.12 4.38
C GLN G 61 4.30 49.82 4.03
N LEU G 62 4.89 49.44 2.89
CA LEU G 62 6.13 50.03 2.40
C LEU G 62 5.85 51.34 1.64
N GLU G 63 4.65 51.44 1.06
CA GLU G 63 4.22 52.64 0.33
C GLU G 63 3.87 53.74 1.32
N GLU G 64 3.34 53.35 2.48
CA GLU G 64 2.99 54.29 3.54
C GLU G 64 4.28 54.74 4.24
N GLU G 65 5.33 53.92 4.09
CA GLU G 65 6.64 54.20 4.67
C GLU G 65 7.40 55.23 3.84
N LEU G 66 7.23 55.15 2.53
CA LEU G 66 7.87 56.09 1.60
C LEU G 66 7.04 57.36 1.46
N ARG G 67 5.75 57.28 1.79
CA ARG G 67 4.83 58.41 1.72
C ARG G 67 5.11 59.45 2.81
N ILE G 68 5.34 58.97 4.04
CA ILE G 68 5.61 59.85 5.18
C ILE G 68 7.11 60.07 5.42
N LEU G 69 7.96 59.55 4.53
CA LEU G 69 9.41 59.71 4.65
C LEU G 69 9.85 61.15 4.35
N GLN H 6 -40.11 -12.65 3.98
CA GLN H 6 -39.57 -11.32 4.43
C GLN H 6 -39.26 -10.38 3.24
N GLU H 7 -39.86 -10.67 2.09
CA GLU H 7 -39.65 -9.88 0.89
C GLU H 7 -40.28 -8.49 0.92
N PRO H 8 -39.49 -7.45 0.56
CA PRO H 8 -39.94 -6.05 0.54
C PRO H 8 -41.13 -5.89 -0.40
N SER H 9 -42.01 -4.94 -0.09
CA SER H 9 -43.18 -4.68 -0.91
C SER H 9 -42.79 -4.14 -2.29
N SER H 10 -43.72 -4.20 -3.22
CA SER H 10 -43.53 -3.73 -4.57
C SER H 10 -43.13 -2.25 -4.54
N LYS H 11 -43.75 -1.51 -3.62
CA LYS H 11 -43.48 -0.08 -3.46
C LYS H 11 -42.07 0.15 -2.90
N ARG H 12 -41.68 -0.67 -1.92
CA ARG H 12 -40.35 -0.55 -1.34
C ARG H 12 -39.30 -0.92 -2.38
N LYS H 13 -39.53 -1.98 -3.12
CA LYS H 13 -38.63 -2.42 -4.18
C LYS H 13 -38.42 -1.30 -5.19
N ALA H 14 -39.52 -0.62 -5.55
CA ALA H 14 -39.50 0.49 -6.51
C ALA H 14 -38.71 1.65 -5.97
N GLN H 15 -38.88 1.94 -4.67
CA GLN H 15 -38.16 3.03 -4.02
C GLN H 15 -36.66 2.75 -3.95
N ASN H 16 -36.29 1.51 -3.65
CA ASN H 16 -34.88 1.14 -3.61
C ASN H 16 -34.22 1.37 -4.96
N ARG H 17 -34.92 1.01 -6.04
CA ARG H 17 -34.42 1.22 -7.40
C ARG H 17 -34.23 2.70 -7.69
N ALA H 18 -35.27 3.47 -7.37
CA ALA H 18 -35.31 4.92 -7.58
C ALA H 18 -34.21 5.62 -6.78
N ALA H 19 -34.05 5.24 -5.52
CA ALA H 19 -33.03 5.82 -4.68
C ALA H 19 -31.61 5.46 -5.16
N GLN H 20 -31.46 4.26 -5.70
CA GLN H 20 -30.15 3.81 -6.21
C GLN H 20 -29.79 4.49 -7.52
N ARG H 21 -30.79 4.75 -8.35
CA ARG H 21 -30.56 5.43 -9.63
C ARG H 21 -30.12 6.88 -9.37
N ALA H 22 -30.71 7.49 -8.35
CA ALA H 22 -30.39 8.86 -7.97
C ALA H 22 -29.00 8.92 -7.37
N PHE H 23 -28.68 7.91 -6.55
CA PHE H 23 -27.39 7.81 -5.88
C PHE H 23 -26.26 7.66 -6.89
N ARG H 24 -26.46 6.79 -7.88
CA ARG H 24 -25.48 6.55 -8.93
C ARG H 24 -25.22 7.83 -9.71
N LYS H 25 -26.31 8.56 -10.01
CA LYS H 25 -26.27 9.81 -10.73
C LYS H 25 -25.40 10.83 -9.96
N ARG H 26 -25.68 11.01 -8.68
CA ARG H 26 -24.92 11.93 -7.85
C ARG H 26 -23.45 11.55 -7.77
N LYS H 27 -23.17 10.25 -7.82
CA LYS H 27 -21.81 9.72 -7.74
C LYS H 27 -21.05 10.04 -9.02
N GLU H 28 -21.71 9.91 -10.16
CA GLU H 28 -21.09 10.22 -11.45
C GLU H 28 -20.98 11.73 -11.68
N ASP H 29 -21.93 12.49 -11.11
CA ASP H 29 -21.89 13.95 -11.23
C ASP H 29 -20.71 14.49 -10.43
N HIS H 30 -20.45 13.87 -9.29
CA HIS H 30 -19.34 14.25 -8.42
C HIS H 30 -18.01 13.89 -9.06
N LEU H 31 -17.96 12.77 -9.77
CA LEU H 31 -16.75 12.32 -10.43
C LEU H 31 -16.31 13.32 -11.48
N LYS H 32 -17.27 13.88 -12.22
CA LYS H 32 -17.00 14.87 -13.26
C LYS H 32 -16.70 16.24 -12.66
N ALA H 33 -17.41 16.59 -11.58
CA ALA H 33 -17.22 17.85 -10.89
C ALA H 33 -15.88 17.84 -10.15
N LEU H 34 -15.28 16.66 -10.04
CA LEU H 34 -14.01 16.48 -9.36
C LEU H 34 -12.89 16.67 -10.39
N GLU H 35 -13.03 16.00 -11.54
CA GLU H 35 -12.03 16.09 -12.60
C GLU H 35 -11.94 17.51 -13.19
N THR H 36 -13.08 18.17 -13.31
CA THR H 36 -13.09 19.53 -13.83
C THR H 36 -12.75 20.53 -12.72
N GLN H 37 -12.68 20.05 -11.48
CA GLN H 37 -12.33 20.89 -10.34
C GLN H 37 -10.81 20.96 -10.35
N VAL H 38 -10.20 19.91 -10.90
CA VAL H 38 -8.76 19.80 -11.03
C VAL H 38 -8.22 20.91 -11.92
N VAL H 39 -8.76 20.99 -13.13
CA VAL H 39 -8.34 21.99 -14.11
C VAL H 39 -8.41 23.44 -13.61
N THR H 40 -9.53 23.84 -13.00
CA THR H 40 -9.66 25.21 -12.48
C THR H 40 -8.60 25.53 -11.42
N LEU H 41 -8.26 24.55 -10.58
CA LEU H 41 -7.25 24.71 -9.53
C LEU H 41 -5.81 24.77 -10.05
N LYS H 42 -5.50 24.03 -11.11
CA LYS H 42 -4.14 24.09 -11.66
C LYS H 42 -3.92 25.31 -12.57
N GLU H 43 -5.02 25.90 -13.04
CA GLU H 43 -4.94 27.11 -13.87
C GLU H 43 -5.03 28.31 -12.94
N LEU H 44 -5.56 28.08 -11.74
CA LEU H 44 -5.71 29.13 -10.71
C LEU H 44 -4.43 29.19 -9.87
N HIS H 45 -3.56 28.19 -10.06
CA HIS H 45 -2.28 28.13 -9.37
C HIS H 45 -1.29 28.95 -10.20
N SER H 46 -1.36 28.77 -11.52
CA SER H 46 -0.49 29.47 -12.46
C SER H 46 -0.71 30.98 -12.45
N SER H 47 -1.98 31.38 -12.39
CA SER H 47 -2.35 32.79 -12.38
C SER H 47 -1.90 33.51 -11.11
N THR H 48 -2.05 32.85 -9.97
CA THR H 48 -1.67 33.42 -8.68
C THR H 48 -0.15 33.36 -8.42
N THR H 49 0.52 32.39 -9.03
CA THR H 49 1.98 32.25 -8.89
C THR H 49 2.69 33.34 -9.72
N LEU H 50 2.22 33.54 -10.94
CA LEU H 50 2.78 34.55 -11.84
C LEU H 50 2.45 35.97 -11.36
N GLU H 51 1.36 36.10 -10.61
CA GLU H 51 0.94 37.39 -10.06
C GLU H 51 1.74 37.72 -8.79
N ASN H 52 2.24 36.68 -8.13
CA ASN H 52 3.04 36.86 -6.91
C ASN H 52 4.48 37.22 -7.29
N ASP H 53 4.86 36.89 -8.52
CA ASP H 53 6.21 37.17 -9.06
C ASP H 53 6.28 38.67 -9.40
N GLN H 54 5.13 39.23 -9.78
CA GLN H 54 5.02 40.64 -10.11
C GLN H 54 4.96 41.41 -8.79
N LEU H 55 4.25 40.87 -7.80
CA LEU H 55 4.13 41.47 -6.48
C LEU H 55 5.46 41.44 -5.74
N ARG H 56 6.32 40.48 -6.13
CA ARG H 56 7.65 40.31 -5.56
C ARG H 56 8.55 41.41 -6.14
N GLN H 57 8.21 41.86 -7.34
CA GLN H 57 8.93 42.93 -8.03
C GLN H 57 8.65 44.27 -7.36
N LYS H 58 7.42 44.43 -6.85
CA LYS H 58 7.02 45.66 -6.16
C LYS H 58 7.54 45.72 -4.74
N VAL H 59 7.59 44.55 -4.08
CA VAL H 59 8.09 44.48 -2.72
C VAL H 59 9.60 44.68 -2.66
N ARG H 60 10.33 44.02 -3.57
CA ARG H 60 11.80 44.10 -3.63
C ARG H 60 12.30 45.48 -4.12
N GLN H 61 11.47 46.18 -4.89
CA GLN H 61 11.82 47.50 -5.41
C GLN H 61 11.45 48.64 -4.45
N LEU H 62 10.49 48.38 -3.55
CA LEU H 62 10.06 49.37 -2.57
C LEU H 62 10.92 49.39 -1.31
N GLU H 63 11.54 48.26 -0.97
CA GLU H 63 12.40 48.18 0.21
C GLU H 63 13.88 48.51 -0.08
N GLU H 64 14.24 48.51 -1.37
CA GLU H 64 15.61 48.85 -1.81
C GLU H 64 15.65 50.37 -1.94
N GLU H 65 14.57 50.92 -2.46
CA GLU H 65 14.39 52.36 -2.65
C GLU H 65 14.29 53.01 -1.27
N LEU H 66 13.78 52.24 -0.31
CA LEU H 66 13.59 52.68 1.07
C LEU H 66 14.87 52.48 1.90
N ARG H 67 15.76 51.60 1.42
CA ARG H 67 17.04 51.33 2.09
C ARG H 67 18.00 52.47 1.75
N ILE H 68 17.91 52.93 0.49
CA ILE H 68 18.74 54.03 -0.01
C ILE H 68 18.08 55.38 0.34
N LEU H 69 17.22 55.34 1.36
CA LEU H 69 16.49 56.52 1.84
C LEU H 69 16.27 56.45 3.35
N ARG I 12 -2.32 -20.66 -18.53
CA ARG I 12 -0.91 -20.64 -19.02
C ARG I 12 -0.55 -19.32 -19.70
N LYS I 13 -1.56 -18.45 -19.86
CA LYS I 13 -1.36 -17.15 -20.49
C LYS I 13 -2.24 -16.06 -19.86
N ALA I 14 -2.37 -16.11 -18.53
CA ALA I 14 -3.15 -15.13 -17.79
C ALA I 14 -2.36 -13.82 -17.71
N GLN I 15 -1.04 -13.94 -17.70
CA GLN I 15 -0.14 -12.79 -17.65
C GLN I 15 0.20 -12.25 -19.03
N ASN I 16 -0.32 -12.89 -20.07
CA ASN I 16 -0.09 -12.47 -21.46
C ASN I 16 -1.23 -11.57 -21.96
N ARG I 17 -2.42 -11.75 -21.40
CA ARG I 17 -3.59 -10.97 -21.78
C ARG I 17 -4.19 -10.28 -20.56
N GLU I 35 -2.15 5.82 -21.75
CA GLU I 35 -2.72 5.46 -20.47
C GLU I 35 -2.30 6.45 -19.37
N THR I 36 -1.22 6.14 -18.67
CA THR I 36 -0.71 6.99 -17.59
C THR I 36 0.28 8.06 -18.09
N GLN I 37 0.81 7.86 -19.29
CA GLN I 37 1.77 8.80 -19.86
C GLN I 37 1.09 10.03 -20.49
N VAL I 38 -0.23 9.97 -20.65
CA VAL I 38 -1.00 11.07 -21.21
C VAL I 38 -1.21 12.17 -20.16
N VAL I 39 -1.44 11.76 -18.91
CA VAL I 39 -1.66 12.71 -17.81
C VAL I 39 -0.36 13.28 -17.20
N THR I 40 0.76 12.63 -17.45
CA THR I 40 2.06 13.09 -16.94
C THR I 40 2.69 14.11 -17.90
N LEU I 41 2.33 14.01 -19.18
CA LEU I 41 2.83 14.92 -20.21
C LEU I 41 2.00 16.19 -20.30
N LYS I 42 0.77 16.13 -19.77
CA LYS I 42 -0.12 17.29 -19.72
C LYS I 42 0.18 18.02 -18.42
N GLU I 43 0.77 17.29 -17.48
CA GLU I 43 1.17 17.83 -16.17
C GLU I 43 2.58 18.42 -16.32
N LEU I 44 3.32 17.91 -17.31
CA LEU I 44 4.66 18.39 -17.62
C LEU I 44 4.46 19.66 -18.45
N HIS I 45 3.37 19.67 -19.21
CA HIS I 45 3.00 20.81 -20.05
C HIS I 45 2.47 21.98 -19.22
N SER I 46 1.68 21.67 -18.19
CA SER I 46 1.10 22.69 -17.31
C SER I 46 2.15 23.41 -16.45
N SER I 47 3.27 22.74 -16.20
CA SER I 47 4.35 23.30 -15.40
C SER I 47 5.44 23.95 -16.26
N THR I 48 5.63 23.42 -17.47
CA THR I 48 6.63 23.93 -18.41
C THR I 48 6.18 25.24 -19.06
N THR I 49 4.86 25.48 -19.05
CA THR I 49 4.28 26.70 -19.62
C THR I 49 4.27 27.79 -18.55
N LEU I 50 4.29 27.37 -17.28
CA LEU I 50 4.31 28.29 -16.15
C LEU I 50 5.69 28.96 -16.11
N GLU I 51 6.74 28.17 -16.33
CA GLU I 51 8.11 28.66 -16.36
C GLU I 51 8.27 29.67 -17.49
N ASN I 52 7.58 29.39 -18.60
CA ASN I 52 7.59 30.24 -19.78
C ASN I 52 6.84 31.55 -19.55
N ASP I 53 5.74 31.48 -18.81
CA ASP I 53 4.93 32.65 -18.49
C ASP I 53 5.64 33.62 -17.54
N GLN I 54 6.22 33.08 -16.47
CA GLN I 54 6.93 33.92 -15.50
C GLN I 54 8.34 34.31 -15.93
N LEU I 55 8.88 33.61 -16.92
CA LEU I 55 10.21 33.92 -17.45
C LEU I 55 10.11 35.21 -18.27
N ARG I 56 9.10 35.29 -19.12
CA ARG I 56 8.87 36.45 -19.97
C ARG I 56 8.28 37.63 -19.21
N VAL I 59 13.64 34.15 -15.05
CA VAL I 59 14.65 34.89 -15.82
C VAL I 59 14.35 36.38 -15.93
N ARG I 60 13.24 36.83 -15.35
CA ARG I 60 12.86 38.23 -15.37
C ARG I 60 13.71 38.99 -14.35
N GLN I 61 13.95 38.35 -13.22
CA GLN I 61 14.75 38.94 -12.13
C GLN I 61 16.26 38.67 -12.31
N LEU I 62 16.61 37.78 -13.24
CA LEU I 62 18.01 37.46 -13.52
C LEU I 62 18.61 38.37 -14.60
N GLU I 63 17.78 38.73 -15.58
CA GLU I 63 18.20 39.60 -16.67
C GLU I 63 18.25 41.07 -16.21
N GLU I 64 17.40 41.41 -15.25
CA GLU I 64 17.32 42.77 -14.69
C GLU I 64 18.41 43.02 -13.65
N GLU I 65 18.85 41.95 -12.98
CA GLU I 65 19.92 42.04 -11.98
C GLU I 65 21.29 42.09 -12.65
N LEU I 66 21.38 41.53 -13.86
CA LEU I 66 22.60 41.51 -14.65
C LEU I 66 22.85 42.89 -15.27
N ARG I 67 21.77 43.56 -15.67
CA ARG I 67 21.83 44.89 -16.26
C ARG I 67 22.06 45.96 -15.18
N ILE I 68 21.59 45.67 -13.96
CA ILE I 68 21.73 46.56 -12.80
C ILE I 68 23.16 46.50 -12.25
N LEU I 69 23.86 45.41 -12.57
CA LEU I 69 25.25 45.22 -12.14
C LEU I 69 26.19 45.66 -13.27
N LYS I 70 25.88 45.25 -14.50
CA LYS I 70 26.69 45.56 -15.68
C LYS I 70 26.53 46.98 -16.24
N THR J 36 -1.13 9.35 -31.29
CA THR J 36 -1.40 10.82 -31.44
C THR J 36 -1.31 11.56 -30.11
N GLN J 37 -1.44 10.82 -28.99
CA GLN J 37 -1.38 11.40 -27.65
C GLN J 37 0.05 11.65 -27.17
N VAL J 38 0.93 10.68 -27.41
CA VAL J 38 2.34 10.78 -27.02
C VAL J 38 3.14 11.66 -27.98
N VAL J 39 2.74 11.68 -29.26
CA VAL J 39 3.41 12.47 -30.28
C VAL J 39 3.07 13.96 -30.20
N THR J 40 1.82 14.29 -29.88
CA THR J 40 1.37 15.68 -29.78
C THR J 40 1.82 16.38 -28.49
N LEU J 41 2.26 15.59 -27.51
CA LEU J 41 2.74 16.13 -26.24
C LEU J 41 4.26 16.09 -26.13
N LYS J 42 4.89 15.22 -26.90
CA LYS J 42 6.35 15.08 -26.91
C LYS J 42 6.97 15.98 -27.98
N GLU J 43 6.27 16.15 -29.09
CA GLU J 43 6.74 16.99 -30.20
C GLU J 43 6.39 18.46 -29.98
N LEU J 44 5.50 18.71 -29.02
CA LEU J 44 5.08 20.06 -28.68
C LEU J 44 5.50 20.39 -27.24
N HIS J 45 6.63 19.85 -26.83
CA HIS J 45 7.18 20.05 -25.50
C HIS J 45 8.61 20.59 -25.58
N SER J 46 8.82 21.56 -26.47
CA SER J 46 10.13 22.17 -26.66
C SER J 46 9.99 23.68 -26.93
#